data_5AAL
#
_entry.id   5AAL
#
_cell.length_a   90.430
_cell.length_b   90.430
_cell.length_c   79.670
_cell.angle_alpha   90.00
_cell.angle_beta   90.00
_cell.angle_gamma   120.00
#
_symmetry.space_group_name_H-M   'P 31 2 1'
#
loop_
_entity.id
_entity.type
_entity.pdbx_description
1 polymer FIMH
2 non-polymer (2R,3S,4R,5S,6R)-2-(hydroxymethyl)-6-[(Z)-3-(4-phenylphenyl)prop-2-enyl]oxane-3,4,5-triol
3 non-polymer 'NICKEL (II) ION'
4 non-polymer 'SULFATE ION'
5 water water
#
_entity_poly.entity_id   1
_entity_poly.type   'polypeptide(L)'
_entity_poly.pdbx_seq_one_letter_code
;FACKTANGTAIPIGGGSANVYVNLAPVVNVGQNLVVDLSTQIFCHNDYPETITDYVTLQRGSAYGGVLSNFSGTVKYSGS
SYPFPTTSETPRVVYNSRTDKPWPVALYLTPVSSAGGVAIKAGSLIAVLILRQTNNYNSDDFQFVWNIYANNDVVVPT
;
_entity_poly.pdbx_strand_id   A,B
#
loop_
_chem_comp.id
_chem_comp.type
_chem_comp.name
_chem_comp.formula
8L8 non-polymer (2R,3S,4R,5S,6R)-2-(hydroxymethyl)-6-[(Z)-3-(4-phenylphenyl)prop-2-enyl]oxane-3,4,5-triol 'C21 H24 O5'
NI non-polymer 'NICKEL (II) ION' 'Ni 2'
SO4 non-polymer 'SULFATE ION' 'O4 S -2'
#
# COMPACT_ATOMS: atom_id res chain seq x y z
N PHE A 1 -20.02 14.21 13.42
CA PHE A 1 -19.11 13.09 13.12
C PHE A 1 -18.41 12.60 14.40
N ALA A 2 -18.42 11.28 14.61
CA ALA A 2 -17.76 10.69 15.77
C ALA A 2 -17.37 9.27 15.48
N CYS A 3 -16.44 8.77 16.30
CA CYS A 3 -15.83 7.47 16.11
C CYS A 3 -15.80 6.66 17.39
N LYS A 4 -15.75 5.35 17.24
CA LYS A 4 -15.64 4.46 18.39
C LYS A 4 -14.86 3.23 17.99
N THR A 5 -14.41 2.46 18.97
CA THR A 5 -13.84 1.16 18.67
C THR A 5 -14.72 0.02 19.16
N ALA A 6 -14.62 -1.09 18.49
CA ALA A 6 -15.25 -2.34 18.93
C ALA A 6 -14.78 -2.74 20.34
N ASN A 7 -15.68 -2.66 21.31
CA ASN A 7 -15.37 -3.00 22.70
C ASN A 7 -14.07 -2.44 23.31
N GLY A 8 -13.89 -1.13 23.46
CA GLY A 8 -14.84 -0.10 23.17
C GLY A 8 -14.45 1.16 23.96
N THR A 9 -13.81 2.12 23.30
CA THR A 9 -13.88 3.52 23.72
C THR A 9 -14.33 4.33 22.52
N ALA A 10 -14.70 5.59 22.75
CA ALA A 10 -15.10 6.51 21.69
C ALA A 10 -14.31 7.81 21.70
N ILE A 11 -14.30 8.46 20.54
CA ILE A 11 -13.86 9.85 20.42
C ILE A 11 -15.07 10.66 19.97
N PRO A 12 -15.46 11.67 20.75
CA PRO A 12 -16.69 12.42 20.47
C PRO A 12 -16.53 13.44 19.34
N ILE A 13 -17.67 14.01 18.95
CA ILE A 13 -17.71 15.18 18.07
C ILE A 13 -16.61 16.16 18.43
N GLY A 14 -15.85 16.58 17.42
CA GLY A 14 -14.82 17.58 17.63
C GLY A 14 -13.45 17.00 17.81
N GLY A 15 -13.35 15.67 17.76
CA GLY A 15 -12.05 15.02 17.78
C GLY A 15 -11.49 14.77 19.18
N GLY A 16 -10.30 14.20 19.21
CA GLY A 16 -9.66 13.75 20.44
C GLY A 16 -8.71 12.60 20.13
N SER A 17 -8.39 11.79 21.14
CA SER A 17 -7.48 10.65 20.99
C SER A 17 -8.03 9.45 21.72
N ALA A 18 -7.60 8.28 21.25
CA ALA A 18 -7.94 7.02 21.88
C ALA A 18 -6.80 6.03 21.65
N ASN A 19 -6.71 5.04 22.53
CA ASN A 19 -5.72 3.98 22.44
C ASN A 19 -6.40 2.69 21.96
N VAL A 20 -5.77 2.01 21.01
CA VAL A 20 -6.31 0.81 20.39
C VAL A 20 -5.29 -0.30 20.54
N TYR A 21 -5.74 -1.48 20.96
CA TYR A 21 -4.87 -2.65 21.02
C TYR A 21 -5.15 -3.58 19.83
N VAL A 22 -4.10 -4.16 19.27
CA VAL A 22 -4.25 -5.01 18.09
C VAL A 22 -3.53 -6.34 18.37
N ASN A 23 -4.14 -7.44 17.91
CA ASN A 23 -3.54 -8.76 17.90
C ASN A 23 -2.61 -8.92 16.70
N LEU A 24 -1.42 -9.43 16.96
CA LEU A 24 -0.39 -9.59 15.94
C LEU A 24 -0.01 -11.04 15.82
N ALA A 25 0.22 -11.52 14.60
CA ALA A 25 0.80 -12.85 14.41
C ALA A 25 2.07 -12.96 15.28
N PRO A 26 2.21 -14.02 16.10
CA PRO A 26 3.34 -13.97 17.06
C PRO A 26 4.68 -14.39 16.46
N VAL A 27 4.65 -14.94 15.25
CA VAL A 27 5.85 -15.28 14.54
C VAL A 27 5.69 -14.81 13.11
N VAL A 28 6.60 -13.97 12.64
CA VAL A 28 6.62 -13.55 11.26
C VAL A 28 8.07 -13.64 10.77
N ASN A 29 8.26 -14.13 9.56
CA ASN A 29 9.58 -14.22 8.97
C ASN A 29 9.90 -13.05 8.08
N VAL A 30 11.19 -12.81 7.87
CA VAL A 30 11.65 -11.98 6.76
C VAL A 30 10.91 -12.46 5.50
N GLY A 31 10.30 -11.51 4.78
CA GLY A 31 9.58 -11.81 3.55
C GLY A 31 8.08 -12.02 3.69
N GLN A 32 7.61 -12.26 4.93
CA GLN A 32 6.17 -12.36 5.23
C GLN A 32 5.59 -11.01 5.70
N ASN A 33 4.27 -10.85 5.61
CA ASN A 33 3.62 -9.64 6.16
C ASN A 33 2.89 -9.89 7.48
N LEU A 34 3.05 -8.95 8.41
CA LEU A 34 2.03 -8.69 9.43
C LEU A 34 0.97 -7.82 8.79
N VAL A 35 -0.28 -8.24 8.84
CA VAL A 35 -1.40 -7.40 8.48
C VAL A 35 -2.10 -6.93 9.76
N VAL A 36 -2.25 -5.63 9.91
CA VAL A 36 -3.00 -5.03 11.02
C VAL A 36 -4.19 -4.32 10.43
N ASP A 37 -5.34 -4.96 10.44
CA ASP A 37 -6.53 -4.41 9.81
C ASP A 37 -7.36 -3.65 10.86
N LEU A 38 -7.36 -2.32 10.78
CA LEU A 38 -8.00 -1.51 11.78
C LEU A 38 -9.47 -1.32 11.43
N SER A 39 -9.83 -1.70 10.21
CA SER A 39 -11.17 -1.52 9.70
C SER A 39 -12.18 -2.41 10.42
N THR A 40 -11.71 -3.44 11.12
CA THR A 40 -12.58 -4.22 12.01
C THR A 40 -12.63 -3.67 13.45
N GLN A 41 -11.96 -2.55 13.70
CA GLN A 41 -11.86 -2.00 15.03
C GLN A 41 -12.36 -0.55 15.13
N ILE A 42 -12.14 0.25 14.10
CA ILE A 42 -12.50 1.65 14.16
C ILE A 42 -13.67 1.90 13.25
N PHE A 43 -14.73 2.45 13.84
CA PHE A 43 -15.96 2.72 13.12
C PHE A 43 -16.36 4.18 13.29
N CYS A 44 -16.89 4.77 12.23
CA CYS A 44 -17.20 6.19 12.21
C CYS A 44 -18.59 6.36 11.63
N HIS A 45 -19.25 7.48 11.97
CA HIS A 45 -20.54 7.80 11.39
C HIS A 45 -20.78 9.30 11.28
N ASN A 46 -21.71 9.64 10.39
CA ASN A 46 -22.12 11.01 10.12
C ASN A 46 -23.36 11.29 10.94
N ASP A 47 -23.36 12.37 11.71
CA ASP A 47 -24.49 12.71 12.60
C ASP A 47 -25.69 13.42 11.94
N TYR A 48 -25.54 13.91 10.70
CA TYR A 48 -26.61 14.63 10.00
C TYR A 48 -26.46 14.45 8.50
N PRO A 49 -26.56 13.21 8.04
CA PRO A 49 -26.22 12.94 6.65
C PRO A 49 -27.18 13.58 5.64
N GLU A 50 -28.36 14.02 6.10
CA GLU A 50 -29.36 14.60 5.22
C GLU A 50 -28.94 16.00 4.76
N THR A 51 -28.10 16.66 5.54
CA THR A 51 -27.63 18.01 5.21
C THR A 51 -26.13 18.13 5.11
N ILE A 52 -25.40 17.18 5.69
CA ILE A 52 -23.95 17.31 5.77
C ILE A 52 -23.27 16.08 5.22
N THR A 53 -22.19 16.35 4.49
CA THR A 53 -21.32 15.28 4.01
C THR A 53 -20.00 15.43 4.74
N ASP A 54 -19.59 14.35 5.39
CA ASP A 54 -18.31 14.32 6.06
C ASP A 54 -17.25 13.70 5.15
N TYR A 55 -16.07 14.34 5.13
CA TYR A 55 -14.90 13.85 4.41
C TYR A 55 -13.79 13.42 5.37
N VAL A 56 -13.25 12.21 5.15
CA VAL A 56 -12.31 11.61 6.05
C VAL A 56 -11.06 11.12 5.30
N THR A 57 -9.92 11.57 5.80
CA THR A 57 -8.63 11.19 5.26
C THR A 57 -7.77 10.55 6.34
N LEU A 58 -6.80 9.76 5.91
CA LEU A 58 -5.68 9.42 6.77
C LEU A 58 -4.67 10.52 6.63
N GLN A 59 -4.61 11.38 7.64
CA GLN A 59 -3.75 12.53 7.56
C GLN A 59 -2.30 12.11 7.62
N ARG A 60 -2.01 11.22 8.55
CA ARG A 60 -0.64 10.80 8.80
C ARG A 60 -0.65 9.44 9.45
N GLY A 61 0.33 8.63 9.04
CA GLY A 61 0.58 7.34 9.65
C GLY A 61 2.05 7.31 10.03
N SER A 62 2.31 7.13 11.32
CA SER A 62 3.64 7.10 11.92
C SER A 62 3.90 5.81 12.66
N ALA A 63 5.17 5.38 12.63
CA ALA A 63 5.60 4.13 13.23
C ALA A 63 6.36 4.41 14.51
N TYR A 64 6.22 3.50 15.46
CA TYR A 64 6.91 3.58 16.74
C TYR A 64 7.50 2.25 17.19
N GLY A 65 8.47 2.36 18.09
CA GLY A 65 9.13 1.22 18.72
C GLY A 65 9.59 0.13 17.78
N GLY A 66 9.13 -1.08 18.06
CA GLY A 66 9.53 -2.24 17.28
C GLY A 66 9.24 -2.11 15.81
N VAL A 67 8.10 -1.51 15.48
CA VAL A 67 7.69 -1.45 14.10
C VAL A 67 8.61 -0.47 13.42
N LEU A 68 8.84 0.65 14.07
CA LEU A 68 9.70 1.70 13.55
C LEU A 68 11.13 1.22 13.27
N SER A 69 11.64 0.24 14.04
CA SER A 69 13.05 -0.14 13.87
C SER A 69 13.27 -1.51 13.25
N ASN A 70 12.23 -2.33 13.23
CA ASN A 70 12.39 -3.72 12.80
C ASN A 70 11.50 -4.09 11.62
N PHE A 71 10.68 -3.15 11.16
CA PHE A 71 9.74 -3.40 10.07
C PHE A 71 9.77 -2.31 9.02
N SER A 72 9.42 -2.71 7.81
CA SER A 72 9.15 -1.74 6.74
C SER A 72 7.68 -2.00 6.36
N GLY A 73 6.99 -0.99 5.83
CA GLY A 73 5.55 -1.06 5.73
C GLY A 73 4.89 -0.31 4.59
N THR A 74 3.64 -0.68 4.34
CA THR A 74 2.73 0.14 3.56
C THR A 74 1.44 0.25 4.37
N VAL A 75 0.58 1.17 3.97
CA VAL A 75 -0.75 1.23 4.52
C VAL A 75 -1.72 1.28 3.36
N LYS A 76 -2.82 0.55 3.53
CA LYS A 76 -3.87 0.52 2.54
C LYS A 76 -5.05 1.33 3.04
N TYR A 77 -5.41 2.37 2.31
CA TYR A 77 -6.53 3.22 2.71
C TYR A 77 -7.55 3.24 1.60
N SER A 78 -8.72 2.65 1.86
CA SER A 78 -9.84 2.66 0.94
C SER A 78 -9.51 2.19 -0.48
N GLY A 79 -8.85 1.06 -0.62
CA GLY A 79 -8.45 0.59 -1.92
C GLY A 79 -7.02 0.90 -2.36
N SER A 80 -6.50 2.06 -1.95
CA SER A 80 -5.17 2.51 -2.36
C SER A 80 -4.08 2.21 -1.32
N SER A 81 -2.86 1.98 -1.80
CA SER A 81 -1.72 1.67 -0.94
C SER A 81 -0.72 2.80 -0.91
N TYR A 82 -0.09 2.99 0.24
CA TYR A 82 0.87 4.08 0.45
C TYR A 82 2.01 3.60 1.31
N PRO A 83 3.18 4.24 1.20
CA PRO A 83 4.24 3.88 2.15
C PRO A 83 3.81 4.14 3.59
N PHE A 84 4.23 3.27 4.50
CA PHE A 84 4.02 3.49 5.91
C PHE A 84 5.38 3.42 6.57
N PRO A 85 5.80 4.51 7.23
CA PRO A 85 5.16 5.82 7.46
C PRO A 85 4.76 6.56 6.20
N THR A 86 3.68 7.32 6.30
CA THR A 86 3.09 8.02 5.17
C THR A 86 3.95 9.24 4.78
N THR A 87 3.81 9.69 3.53
CA THR A 87 4.57 10.82 3.02
C THR A 87 3.66 12.00 2.71
N SER A 88 2.35 11.78 2.83
CA SER A 88 1.39 12.86 2.68
C SER A 88 -0.02 12.39 3.08
N GLU A 89 -0.92 13.34 3.29
CA GLU A 89 -2.32 13.06 3.50
C GLU A 89 -2.96 12.39 2.27
N THR A 90 -3.80 11.37 2.51
CA THR A 90 -4.50 10.63 1.47
C THR A 90 -5.66 11.41 0.83
N PRO A 91 -6.21 10.84 -0.25
CA PRO A 91 -7.55 11.24 -0.69
C PRO A 91 -8.59 10.95 0.40
N ARG A 92 -9.79 11.52 0.24
CA ARG A 92 -10.82 11.36 1.23
C ARG A 92 -11.84 10.27 0.90
N VAL A 93 -12.46 9.80 1.98
CA VAL A 93 -13.59 8.90 1.94
C VAL A 93 -14.81 9.65 2.45
N VAL A 94 -15.93 9.47 1.78
CA VAL A 94 -17.16 10.13 2.19
C VAL A 94 -17.90 9.33 3.29
N TYR A 95 -18.40 10.04 4.31
CA TYR A 95 -19.28 9.45 5.31
C TYR A 95 -20.61 10.19 5.20
N ASN A 96 -21.64 9.43 4.81
CA ASN A 96 -22.96 9.99 4.53
C ASN A 96 -24.10 9.18 5.14
N SER A 97 -23.88 8.62 6.32
CA SER A 97 -24.86 7.74 6.95
C SER A 97 -24.68 7.73 8.46
N ARG A 98 -25.78 7.62 9.20
CA ARG A 98 -25.72 7.51 10.66
C ARG A 98 -25.23 6.14 11.09
N THR A 99 -25.40 5.15 10.21
CA THR A 99 -24.88 3.80 10.45
C THR A 99 -23.35 3.80 10.54
N ASP A 100 -22.85 3.13 11.57
CA ASP A 100 -21.42 2.92 11.74
C ASP A 100 -20.87 2.28 10.50
N LYS A 101 -19.72 2.76 10.09
CA LYS A 101 -19.07 2.25 8.94
C LYS A 101 -17.56 2.20 9.27
N PRO A 102 -16.87 1.15 8.82
CA PRO A 102 -15.44 1.02 9.12
C PRO A 102 -14.58 2.17 8.59
N TRP A 103 -13.53 2.51 9.32
CA TRP A 103 -12.46 3.34 8.80
C TRP A 103 -11.51 2.38 8.06
N PRO A 104 -11.47 2.44 6.73
CA PRO A 104 -10.79 1.41 5.93
C PRO A 104 -9.26 1.51 5.85
N VAL A 105 -8.60 1.31 6.98
CA VAL A 105 -7.15 1.42 7.12
C VAL A 105 -6.57 0.05 7.47
N ALA A 106 -5.52 -0.37 6.77
CA ALA A 106 -4.82 -1.62 7.10
C ALA A 106 -3.32 -1.46 6.87
N LEU A 107 -2.53 -1.87 7.84
CA LEU A 107 -1.09 -1.81 7.72
C LEU A 107 -0.58 -3.14 7.26
N TYR A 108 0.43 -3.11 6.40
CA TYR A 108 1.17 -4.30 5.99
C TYR A 108 2.63 -4.12 6.31
N LEU A 109 3.08 -4.83 7.33
CA LEU A 109 4.40 -4.62 7.86
C LEU A 109 5.25 -5.87 7.62
N THR A 110 6.48 -5.65 7.21
CA THR A 110 7.40 -6.73 6.86
C THR A 110 8.76 -6.53 7.61
N PRO A 111 9.26 -7.58 8.30
CA PRO A 111 10.55 -7.41 8.98
C PRO A 111 11.72 -7.10 8.03
N VAL A 112 12.57 -6.16 8.42
CA VAL A 112 13.87 -5.95 7.82
C VAL A 112 14.79 -7.05 8.34
N SER A 113 15.87 -7.35 7.63
CA SER A 113 16.75 -8.47 8.03
C SER A 113 17.41 -8.29 9.39
N SER A 114 17.57 -7.05 9.84
CA SER A 114 18.17 -6.81 11.16
C SER A 114 17.24 -7.13 12.33
N ALA A 115 16.01 -7.59 12.05
CA ALA A 115 15.11 -8.04 13.12
C ALA A 115 15.30 -9.54 13.36
N GLY A 116 15.32 -9.89 14.64
CA GLY A 116 15.60 -11.22 15.13
C GLY A 116 15.24 -11.14 16.62
N GLY A 117 14.64 -12.19 17.17
CA GLY A 117 14.20 -12.12 18.54
C GLY A 117 12.87 -11.39 18.61
N VAL A 118 12.54 -10.89 19.79
CA VAL A 118 11.29 -10.17 19.98
C VAL A 118 11.39 -8.80 19.32
N ALA A 119 10.74 -8.67 18.17
CA ALA A 119 10.84 -7.48 17.35
C ALA A 119 9.71 -6.47 17.66
N ILE A 120 8.66 -6.93 18.33
CA ILE A 120 7.62 -6.04 18.86
C ILE A 120 7.23 -6.48 20.26
N LYS A 121 7.33 -5.60 21.25
CA LYS A 121 6.98 -5.98 22.63
C LYS A 121 5.50 -5.81 22.95
N ALA A 122 4.95 -6.79 23.66
CA ALA A 122 3.59 -6.71 24.19
C ALA A 122 3.38 -5.43 25.00
N GLY A 123 2.28 -4.74 24.71
CA GLY A 123 1.95 -3.53 25.43
C GLY A 123 2.60 -2.27 24.85
N SER A 124 3.56 -2.44 23.96
CA SER A 124 4.27 -1.31 23.37
C SER A 124 3.49 -0.60 22.25
N LEU A 125 3.69 0.71 22.16
CA LEU A 125 3.16 1.50 21.06
C LEU A 125 3.91 1.16 19.76
N ILE A 126 3.18 0.82 18.71
CA ILE A 126 3.77 0.50 17.43
C ILE A 126 3.43 1.51 16.32
N ALA A 127 2.37 2.28 16.47
CA ALA A 127 1.96 3.18 15.41
C ALA A 127 0.99 4.24 15.87
N VAL A 128 0.97 5.39 15.19
CA VAL A 128 -0.08 6.39 15.33
C VAL A 128 -0.74 6.70 13.98
N LEU A 129 -2.06 6.72 13.96
CA LEU A 129 -2.85 6.95 12.76
C LEU A 129 -3.79 8.08 13.07
N ILE A 130 -3.63 9.17 12.32
CA ILE A 130 -4.40 10.35 12.51
C ILE A 130 -5.49 10.39 11.43
N LEU A 131 -6.73 10.50 11.89
CA LEU A 131 -7.90 10.62 11.03
C LEU A 131 -8.30 12.08 11.04
N ARG A 132 -8.43 12.68 9.85
CA ARG A 132 -8.84 14.08 9.73
C ARG A 132 -10.21 14.16 9.09
N GLN A 133 -11.13 14.86 9.76
CA GLN A 133 -12.51 14.97 9.32
C GLN A 133 -12.88 16.42 9.05
N THR A 134 -13.44 16.64 7.87
CA THR A 134 -14.02 17.93 7.51
C THR A 134 -15.41 17.65 6.97
N ASN A 135 -16.06 18.68 6.43
CA ASN A 135 -17.36 18.53 5.81
C ASN A 135 -17.62 19.56 4.72
N ASN A 136 -18.82 19.51 4.15
CA ASN A 136 -19.28 20.49 3.17
C ASN A 136 -20.28 21.48 3.77
N TYR A 137 -20.15 21.74 5.07
CA TYR A 137 -21.15 22.53 5.79
C TYR A 137 -20.56 23.76 6.52
N ASN A 138 -19.51 23.55 7.32
CA ASN A 138 -18.86 24.67 8.00
C ASN A 138 -17.32 24.46 8.07
N SER A 139 -16.65 25.22 8.92
CA SER A 139 -15.19 25.17 8.96
C SER A 139 -14.64 24.13 9.91
N ASP A 140 -15.48 23.19 10.33
CA ASP A 140 -15.01 22.08 11.16
C ASP A 140 -13.85 21.32 10.51
N ASP A 141 -12.77 21.22 11.24
CA ASP A 141 -11.59 20.53 10.78
C ASP A 141 -10.95 19.84 11.98
N PHE A 142 -11.24 18.54 12.15
CA PHE A 142 -10.92 17.82 13.38
C PHE A 142 -10.01 16.60 13.13
N GLN A 143 -9.14 16.34 14.10
CA GLN A 143 -8.29 15.18 14.12
C GLN A 143 -8.76 14.18 15.18
N PHE A 144 -8.77 12.91 14.77
CA PHE A 144 -9.08 11.79 15.63
C PHE A 144 -7.82 10.92 15.63
N VAL A 145 -7.14 10.86 16.76
CA VAL A 145 -5.81 10.26 16.89
C VAL A 145 -5.82 8.87 17.55
N TRP A 146 -5.48 7.86 16.77
CA TRP A 146 -5.47 6.48 17.21
C TRP A 146 -4.08 6.01 17.49
N ASN A 147 -3.81 5.81 18.77
CA ASN A 147 -2.57 5.25 19.21
C ASN A 147 -2.70 3.74 19.18
N ILE A 148 -1.78 3.07 18.51
CA ILE A 148 -1.91 1.63 18.27
C ILE A 148 -0.89 0.91 19.14
N TYR A 149 -1.39 -0.05 19.93
CA TYR A 149 -0.56 -0.80 20.87
C TYR A 149 -0.58 -2.28 20.53
N ALA A 150 0.59 -2.92 20.57
CA ALA A 150 0.68 -4.39 20.50
C ALA A 150 0.08 -5.09 21.71
N ASN A 151 -0.78 -6.06 21.46
CA ASN A 151 -1.29 -6.91 22.53
C ASN A 151 -0.26 -7.96 22.93
N ASN A 152 0.45 -8.49 21.95
CA ASN A 152 1.39 -9.60 22.20
C ASN A 152 2.76 -9.37 21.56
N ASP A 153 3.76 -10.09 22.04
CA ASP A 153 5.06 -10.15 21.38
C ASP A 153 4.99 -10.66 19.96
N VAL A 154 5.86 -10.15 19.11
CA VAL A 154 6.03 -10.68 17.77
C VAL A 154 7.51 -11.03 17.63
N VAL A 155 7.78 -12.28 17.27
CA VAL A 155 9.14 -12.79 17.07
C VAL A 155 9.49 -13.01 15.60
N VAL A 156 10.65 -12.53 15.22
CA VAL A 156 11.20 -12.76 13.90
C VAL A 156 12.37 -13.76 14.04
N PRO A 157 12.26 -14.96 13.43
CA PRO A 157 13.38 -15.93 13.53
C PRO A 157 14.68 -15.47 12.85
N THR A 158 15.86 -15.99 13.23
CA THR A 158 16.05 -17.03 14.26
C THR A 158 17.13 -16.55 15.23
N PHE B 1 17.13 10.56 -5.99
CA PHE B 1 16.40 9.45 -6.69
C PHE B 1 14.89 9.72 -6.76
N ALA B 2 14.35 9.71 -7.98
CA ALA B 2 12.91 9.82 -8.18
C ALA B 2 12.46 9.10 -9.45
N CYS B 3 11.14 9.01 -9.54
CA CYS B 3 10.47 8.19 -10.52
C CYS B 3 9.35 9.01 -11.15
N LYS B 4 9.02 8.68 -12.39
CA LYS B 4 7.98 9.34 -13.15
C LYS B 4 7.18 8.27 -13.90
N THR B 5 5.99 8.61 -14.39
CA THR B 5 5.24 7.71 -15.27
C THR B 5 5.02 8.32 -16.66
N ALA B 6 4.70 7.46 -17.62
CA ALA B 6 4.46 7.88 -19.01
C ALA B 6 3.18 8.74 -19.16
N ASN B 7 3.34 9.85 -19.89
CA ASN B 7 2.39 10.99 -19.94
C ASN B 7 1.65 11.23 -18.60
N GLY B 8 2.44 11.46 -17.56
CA GLY B 8 2.00 11.09 -16.24
C GLY B 8 2.42 11.97 -15.10
N THR B 9 2.83 11.27 -14.06
CA THR B 9 3.10 11.93 -12.81
C THR B 9 4.51 11.63 -12.38
N ALA B 10 4.80 11.95 -11.15
CA ALA B 10 6.08 11.64 -10.58
C ALA B 10 5.87 11.30 -9.13
N ILE B 11 6.72 10.41 -8.63
CA ILE B 11 6.91 10.27 -7.20
C ILE B 11 8.30 10.84 -6.91
N PRO B 12 8.38 11.88 -6.08
CA PRO B 12 9.66 12.59 -5.90
C PRO B 12 10.57 11.96 -4.85
N ILE B 13 11.71 12.61 -4.62
CA ILE B 13 12.69 12.18 -3.61
C ILE B 13 12.01 11.88 -2.30
N GLY B 14 12.33 10.71 -1.73
CA GLY B 14 11.77 10.31 -0.44
C GLY B 14 10.60 9.36 -0.55
N GLY B 15 10.23 9.06 -1.80
CA GLY B 15 9.20 8.09 -2.04
C GLY B 15 7.81 8.67 -1.96
N GLY B 16 6.85 7.76 -2.04
CA GLY B 16 5.46 8.13 -2.05
C GLY B 16 4.62 7.10 -2.78
N SER B 17 3.52 7.59 -3.33
CA SER B 17 2.45 6.78 -3.88
C SER B 17 2.06 7.37 -5.23
N ALA B 18 1.68 6.54 -6.19
CA ALA B 18 1.10 7.04 -7.44
C ALA B 18 0.21 5.99 -8.07
N ASN B 19 -0.69 6.48 -8.93
CA ASN B 19 -1.57 5.65 -9.74
C ASN B 19 -1.05 5.50 -11.18
N VAL B 20 -1.10 4.29 -11.70
CA VAL B 20 -0.70 3.99 -13.07
C VAL B 20 -1.85 3.40 -13.87
N TYR B 21 -2.12 3.95 -15.05
CA TYR B 21 -3.25 3.53 -15.85
C TYR B 21 -2.75 2.86 -17.14
N VAL B 22 -3.00 1.55 -17.26
CA VAL B 22 -2.49 0.77 -18.38
C VAL B 22 -3.59 0.27 -19.33
N ASN B 23 -3.31 0.31 -20.63
CA ASN B 23 -4.16 -0.35 -21.63
C ASN B 23 -3.81 -1.80 -21.75
N LEU B 24 -4.83 -2.64 -21.62
CA LEU B 24 -4.66 -4.07 -21.58
C LEU B 24 -5.27 -4.68 -22.85
N ALA B 25 -4.75 -5.82 -23.30
CA ALA B 25 -5.39 -6.57 -24.37
C ALA B 25 -6.88 -6.71 -24.05
N PRO B 26 -7.77 -6.45 -25.03
CA PRO B 26 -9.21 -6.54 -24.75
C PRO B 26 -9.69 -7.97 -24.55
N VAL B 27 -8.99 -8.90 -25.16
CA VAL B 27 -9.40 -10.30 -25.15
C VAL B 27 -8.19 -11.12 -24.77
N VAL B 28 -8.36 -12.07 -23.86
CA VAL B 28 -7.28 -13.02 -23.54
C VAL B 28 -7.89 -14.37 -23.27
N ASN B 29 -7.53 -15.36 -24.10
CA ASN B 29 -8.08 -16.70 -24.03
C ASN B 29 -7.36 -17.54 -22.99
N VAL B 30 -8.07 -18.55 -22.47
CA VAL B 30 -7.43 -19.58 -21.65
C VAL B 30 -6.26 -20.13 -22.47
N GLY B 31 -5.09 -20.18 -21.83
CA GLY B 31 -3.87 -20.61 -22.49
C GLY B 31 -3.07 -19.49 -23.14
N GLN B 32 -3.58 -18.26 -23.11
CA GLN B 32 -2.82 -17.12 -23.62
C GLN B 32 -2.33 -16.30 -22.45
N ASN B 33 -1.44 -15.37 -22.74
CA ASN B 33 -0.87 -14.50 -21.75
C ASN B 33 -1.28 -13.07 -21.93
N LEU B 34 -1.69 -12.46 -20.84
CA LEU B 34 -1.89 -11.02 -20.77
C LEU B 34 -0.61 -10.46 -20.17
N VAL B 35 0.04 -9.56 -20.90
CA VAL B 35 1.32 -9.00 -20.42
C VAL B 35 1.13 -7.55 -20.06
N VAL B 36 1.43 -7.26 -18.80
CA VAL B 36 1.43 -5.89 -18.30
C VAL B 36 2.86 -5.41 -18.11
N ASP B 37 3.36 -4.65 -19.09
CA ASP B 37 4.75 -4.22 -19.08
C ASP B 37 4.89 -2.83 -18.47
N LEU B 38 5.34 -2.77 -17.21
CA LEU B 38 5.48 -1.48 -16.54
C LEU B 38 6.77 -0.76 -16.96
N SER B 39 7.67 -1.48 -17.62
CA SER B 39 8.91 -0.89 -18.12
C SER B 39 8.65 0.16 -19.22
N THR B 40 7.45 0.18 -19.79
CA THR B 40 7.06 1.29 -20.66
C THR B 40 6.32 2.40 -19.90
N GLN B 41 6.01 2.18 -18.63
CA GLN B 41 5.17 3.07 -17.87
C GLN B 41 5.93 3.79 -16.76
N ILE B 42 6.93 3.12 -16.17
CA ILE B 42 7.61 3.63 -14.97
C ILE B 42 9.10 3.84 -15.21
N PHE B 43 9.57 5.06 -15.02
CA PHE B 43 10.98 5.39 -15.25
C PHE B 43 11.55 6.05 -14.02
N CYS B 44 12.82 5.76 -13.79
CA CYS B 44 13.50 6.13 -12.54
C CYS B 44 14.86 6.66 -12.91
N HIS B 45 15.42 7.54 -12.08
CA HIS B 45 16.75 8.03 -12.30
C HIS B 45 17.48 8.36 -11.00
N ASN B 46 18.81 8.27 -11.04
CA ASN B 46 19.70 8.64 -9.94
C ASN B 46 20.06 10.13 -10.04
N ASP B 47 19.94 10.88 -8.94
CA ASP B 47 20.19 12.32 -8.96
C ASP B 47 21.62 12.79 -8.73
N TYR B 48 22.51 11.91 -8.30
CA TYR B 48 23.91 12.27 -8.05
C TYR B 48 24.80 11.06 -8.30
N PRO B 49 24.78 10.55 -9.55
CA PRO B 49 25.39 9.26 -9.87
C PRO B 49 26.91 9.23 -9.78
N GLU B 50 27.55 10.38 -9.92
CA GLU B 50 29.02 10.46 -9.88
C GLU B 50 29.57 10.02 -8.52
N THR B 51 28.75 10.11 -7.46
CA THR B 51 29.18 9.74 -6.09
C THR B 51 28.18 8.84 -5.31
N ILE B 52 27.00 8.59 -5.88
CA ILE B 52 25.98 7.76 -5.24
C ILE B 52 25.47 6.70 -6.21
N THR B 53 25.36 5.49 -5.69
CA THR B 53 24.78 4.37 -6.43
C THR B 53 23.45 4.01 -5.76
N ASP B 54 22.39 4.01 -6.56
CA ASP B 54 21.03 3.72 -6.08
C ASP B 54 20.68 2.26 -6.34
N TYR B 55 20.18 1.58 -5.30
CA TYR B 55 19.74 0.17 -5.40
C TYR B 55 18.21 0.11 -5.34
N VAL B 56 17.62 -0.61 -6.31
CA VAL B 56 16.19 -0.64 -6.48
C VAL B 56 15.66 -2.07 -6.57
N THR B 57 14.83 -2.45 -5.60
CA THR B 57 14.12 -3.73 -5.65
C THR B 57 12.63 -3.62 -5.91
N LEU B 58 12.06 -4.73 -6.37
CA LEU B 58 10.66 -4.99 -6.24
C LEU B 58 10.46 -5.68 -4.90
N GLN B 59 10.01 -4.94 -3.91
CA GLN B 59 9.92 -5.45 -2.55
C GLN B 59 8.75 -6.41 -2.44
N ARG B 60 7.64 -6.00 -3.02
CA ARG B 60 6.47 -6.86 -3.06
C ARG B 60 5.59 -6.50 -4.25
N GLY B 61 5.07 -7.56 -4.86
CA GLY B 61 4.05 -7.44 -5.88
C GLY B 61 2.83 -8.16 -5.35
N SER B 62 1.68 -7.48 -5.34
CA SER B 62 0.45 -8.12 -4.91
C SER B 62 -0.68 -7.83 -5.89
N ALA B 63 -1.57 -8.81 -6.05
CA ALA B 63 -2.65 -8.77 -7.02
C ALA B 63 -3.96 -8.36 -6.40
N TYR B 64 -4.79 -7.65 -7.18
CA TYR B 64 -6.13 -7.29 -6.75
C TYR B 64 -7.18 -7.54 -7.80
N GLY B 65 -8.43 -7.37 -7.40
CA GLY B 65 -9.59 -7.51 -8.26
C GLY B 65 -9.61 -8.74 -9.14
N GLY B 66 -9.87 -8.53 -10.42
CA GLY B 66 -10.00 -9.61 -11.36
C GLY B 66 -8.69 -10.32 -11.62
N VAL B 67 -7.58 -9.64 -11.37
CA VAL B 67 -6.28 -10.30 -11.50
C VAL B 67 -6.07 -11.28 -10.36
N LEU B 68 -6.48 -10.87 -9.16
CA LEU B 68 -6.39 -11.75 -8.01
C LEU B 68 -7.31 -12.97 -8.21
N SER B 69 -8.53 -12.73 -8.69
CA SER B 69 -9.50 -13.81 -8.75
C SER B 69 -9.47 -14.65 -10.02
N ASN B 70 -9.02 -14.08 -11.15
CA ASN B 70 -9.22 -14.77 -12.44
C ASN B 70 -7.96 -15.11 -13.19
N PHE B 71 -6.80 -14.75 -12.64
CA PHE B 71 -5.51 -15.00 -13.30
C PHE B 71 -4.50 -15.62 -12.36
N SER B 72 -3.51 -16.24 -12.97
CA SER B 72 -2.35 -16.77 -12.28
C SER B 72 -1.18 -16.18 -13.03
N GLY B 73 -0.05 -16.01 -12.39
CA GLY B 73 1.04 -15.44 -13.15
C GLY B 73 2.42 -15.45 -12.57
N THR B 74 3.27 -14.72 -13.24
CA THR B 74 4.62 -14.48 -12.77
C THR B 74 4.98 -13.02 -12.97
N VAL B 75 6.02 -12.58 -12.27
CA VAL B 75 6.54 -11.24 -12.50
C VAL B 75 7.99 -11.34 -12.96
N LYS B 76 8.27 -10.70 -14.08
CA LYS B 76 9.61 -10.60 -14.59
C LYS B 76 10.29 -9.28 -14.16
N TYR B 77 11.41 -9.42 -13.44
CA TYR B 77 12.19 -8.28 -12.97
C TYR B 77 13.66 -8.35 -13.42
N SER B 78 14.01 -7.48 -14.37
CA SER B 78 15.37 -7.44 -14.89
C SER B 78 15.83 -8.84 -15.32
N GLY B 79 15.02 -9.51 -16.13
CA GLY B 79 15.40 -10.77 -16.74
C GLY B 79 15.13 -12.07 -15.98
N SER B 80 14.70 -11.98 -14.73
CA SER B 80 14.38 -13.16 -13.93
C SER B 80 12.92 -13.22 -13.53
N SER B 81 12.30 -14.39 -13.69
CA SER B 81 10.92 -14.62 -13.35
C SER B 81 10.81 -15.00 -11.91
N TYR B 82 9.70 -14.56 -11.28
CA TYR B 82 9.37 -14.91 -9.91
C TYR B 82 7.86 -15.10 -9.84
N PRO B 83 7.38 -15.84 -8.84
CA PRO B 83 5.93 -15.96 -8.65
C PRO B 83 5.27 -14.59 -8.47
N PHE B 84 4.08 -14.46 -9.05
CA PHE B 84 3.22 -13.32 -8.77
C PHE B 84 1.81 -13.78 -8.42
N PRO B 85 1.27 -13.32 -7.28
CA PRO B 85 1.87 -12.49 -6.21
C PRO B 85 3.20 -13.01 -5.67
N THR B 86 4.01 -12.06 -5.23
CA THR B 86 5.39 -12.30 -4.85
C THR B 86 5.52 -12.88 -3.46
N THR B 87 6.63 -13.59 -3.24
CA THR B 87 6.87 -14.28 -1.97
C THR B 87 8.10 -13.77 -1.24
N SER B 88 8.89 -12.93 -1.90
CA SER B 88 10.05 -12.33 -1.27
C SER B 88 10.55 -11.18 -2.16
N GLU B 89 11.34 -10.29 -1.57
CA GLU B 89 11.97 -9.21 -2.30
C GLU B 89 12.98 -9.72 -3.34
N THR B 90 12.97 -9.08 -4.49
CA THR B 90 13.88 -9.38 -5.59
C THR B 90 15.32 -8.99 -5.27
N PRO B 91 16.26 -9.38 -6.15
CA PRO B 91 17.59 -8.77 -6.07
C PRO B 91 17.56 -7.33 -6.56
N ARG B 92 18.62 -6.59 -6.29
CA ARG B 92 18.65 -5.18 -6.57
C ARG B 92 19.01 -4.92 -8.00
N VAL B 93 18.45 -3.86 -8.57
CA VAL B 93 18.90 -3.30 -9.84
C VAL B 93 19.58 -1.97 -9.52
N VAL B 94 20.73 -1.69 -10.12
CA VAL B 94 21.44 -0.44 -9.87
C VAL B 94 20.91 0.68 -10.77
N TYR B 95 20.79 1.87 -10.18
CA TYR B 95 20.53 3.10 -10.96
C TYR B 95 21.68 4.07 -10.74
N ASN B 96 22.30 4.44 -11.86
CA ASN B 96 23.58 5.13 -11.85
C ASN B 96 23.68 6.14 -12.97
N SER B 97 22.56 6.70 -13.39
CA SER B 97 22.56 7.75 -14.40
C SER B 97 21.49 8.81 -14.09
N ARG B 98 21.70 10.05 -14.52
CA ARG B 98 20.69 11.10 -14.34
C ARG B 98 19.54 10.91 -15.33
N THR B 99 19.74 10.00 -16.26
CA THR B 99 18.78 9.82 -17.34
C THR B 99 17.74 8.77 -16.91
N ASP B 100 16.46 9.11 -17.14
CA ASP B 100 15.34 8.23 -16.80
C ASP B 100 15.47 6.91 -17.51
N LYS B 101 15.61 5.83 -16.72
CA LYS B 101 15.71 4.44 -17.20
C LYS B 101 14.42 3.70 -16.82
N PRO B 102 13.98 2.73 -17.63
CA PRO B 102 12.81 1.97 -17.20
C PRO B 102 12.99 1.22 -15.87
N TRP B 103 11.91 1.09 -15.12
CA TRP B 103 11.85 0.09 -14.05
C TRP B 103 11.46 -1.23 -14.73
N PRO B 104 12.36 -2.23 -14.72
CA PRO B 104 12.19 -3.39 -15.60
C PRO B 104 11.24 -4.45 -15.02
N VAL B 105 9.96 -4.08 -14.90
CA VAL B 105 8.95 -4.97 -14.31
C VAL B 105 7.89 -5.30 -15.35
N ALA B 106 7.49 -6.57 -15.38
CA ALA B 106 6.39 -7.02 -16.25
C ALA B 106 5.65 -8.20 -15.65
N LEU B 107 4.32 -8.11 -15.68
CA LEU B 107 3.46 -9.16 -15.19
C LEU B 107 3.05 -10.03 -16.37
N TYR B 108 3.28 -11.33 -16.22
CA TYR B 108 2.82 -12.29 -17.19
C TYR B 108 1.67 -13.06 -16.57
N LEU B 109 0.47 -12.71 -16.98
CA LEU B 109 -0.75 -13.24 -16.38
C LEU B 109 -1.50 -14.08 -17.37
N THR B 110 -1.98 -15.23 -16.92
CA THR B 110 -2.80 -16.08 -17.76
C THR B 110 -4.08 -16.48 -17.02
N PRO B 111 -5.24 -16.48 -17.71
CA PRO B 111 -6.53 -16.83 -17.07
C PRO B 111 -6.56 -18.19 -16.38
N VAL B 112 -7.19 -18.28 -15.21
CA VAL B 112 -7.46 -19.57 -14.59
C VAL B 112 -8.43 -20.32 -15.53
N SER B 113 -8.39 -21.64 -15.54
CA SER B 113 -9.13 -22.41 -16.56
C SER B 113 -10.65 -22.25 -16.49
N SER B 114 -11.15 -21.71 -15.38
CA SER B 114 -12.58 -21.56 -15.17
C SER B 114 -13.09 -20.15 -15.47
N ALA B 115 -12.18 -19.25 -15.82
CA ALA B 115 -12.51 -17.85 -16.05
C ALA B 115 -13.18 -17.69 -17.41
N GLY B 116 -14.20 -16.83 -17.47
CA GLY B 116 -14.89 -16.53 -18.70
C GLY B 116 -15.67 -15.24 -18.59
N GLY B 117 -15.74 -14.48 -19.68
CA GLY B 117 -16.48 -13.22 -19.67
C GLY B 117 -15.60 -12.09 -19.17
N VAL B 118 -16.18 -11.14 -18.46
CA VAL B 118 -15.38 -10.00 -18.00
C VAL B 118 -14.47 -10.40 -16.85
N ALA B 119 -13.17 -10.40 -17.11
CA ALA B 119 -12.25 -10.95 -16.12
C ALA B 119 -11.60 -9.81 -15.34
N ILE B 120 -11.56 -8.64 -15.95
CA ILE B 120 -11.01 -7.43 -15.34
C ILE B 120 -11.94 -6.29 -15.70
N LYS B 121 -12.50 -5.59 -14.72
CA LYS B 121 -13.32 -4.41 -14.97
C LYS B 121 -12.46 -3.20 -15.24
N ALA B 122 -12.80 -2.46 -16.28
CA ALA B 122 -12.20 -1.15 -16.56
C ALA B 122 -12.17 -0.32 -15.29
N GLY B 123 -11.13 0.47 -15.12
CA GLY B 123 -11.03 1.32 -13.94
C GLY B 123 -10.54 0.64 -12.67
N SER B 124 -10.59 -0.68 -12.60
CA SER B 124 -10.33 -1.34 -11.32
C SER B 124 -8.85 -1.50 -11.04
N LEU B 125 -8.51 -1.54 -9.75
CA LEU B 125 -7.17 -1.83 -9.32
C LEU B 125 -6.82 -3.26 -9.66
N ILE B 126 -5.71 -3.47 -10.35
CA ILE B 126 -5.28 -4.83 -10.71
C ILE B 126 -4.02 -5.26 -9.99
N ALA B 127 -3.21 -4.28 -9.55
CA ALA B 127 -1.99 -4.61 -8.84
C ALA B 127 -1.40 -3.48 -8.01
N VAL B 128 -0.71 -3.81 -6.93
CA VAL B 128 0.22 -2.90 -6.27
C VAL B 128 1.65 -3.43 -6.35
N LEU B 129 2.56 -2.54 -6.69
CA LEU B 129 3.95 -2.89 -6.87
C LEU B 129 4.77 -1.89 -6.07
N ILE B 130 5.55 -2.40 -5.13
CA ILE B 130 6.33 -1.58 -4.25
C ILE B 130 7.76 -1.57 -4.75
N LEU B 131 8.20 -0.39 -5.17
CA LEU B 131 9.57 -0.17 -5.56
C LEU B 131 10.29 0.34 -4.33
N ARG B 132 11.37 -0.35 -3.98
CA ARG B 132 12.16 0.03 -2.81
C ARG B 132 13.54 0.54 -3.19
N GLN B 133 13.84 1.76 -2.79
CA GLN B 133 15.13 2.37 -3.08
C GLN B 133 16.02 2.57 -1.84
N THR B 134 17.28 2.15 -1.96
CA THR B 134 18.31 2.45 -0.97
C THR B 134 19.56 2.91 -1.71
N ASN B 135 20.63 3.20 -0.97
CA ASN B 135 21.88 3.62 -1.58
C ASN B 135 23.11 3.20 -0.78
N ASN B 136 24.26 3.70 -1.22
CA ASN B 136 25.55 3.41 -0.61
C ASN B 136 26.17 4.70 -0.07
N TYR B 137 25.34 5.54 0.52
CA TYR B 137 25.75 6.88 0.88
C TYR B 137 25.16 7.29 2.23
N ASN B 138 23.92 6.87 2.49
CA ASN B 138 23.31 7.16 3.76
C ASN B 138 22.28 6.11 4.15
N SER B 139 21.38 6.46 5.06
CA SER B 139 20.43 5.50 5.62
C SER B 139 19.09 5.53 4.91
N ASP B 140 19.00 6.25 3.79
CA ASP B 140 17.76 6.36 3.02
C ASP B 140 17.24 4.99 2.65
N ASP B 141 15.95 4.81 2.87
CA ASP B 141 15.26 3.59 2.52
C ASP B 141 13.80 3.96 2.24
N PHE B 142 13.51 4.20 0.98
CA PHE B 142 12.26 4.82 0.54
C PHE B 142 11.42 3.85 -0.28
N GLN B 143 10.11 3.96 -0.14
CA GLN B 143 9.20 3.17 -0.92
C GLN B 143 8.47 4.04 -1.92
N PHE B 144 8.37 3.53 -3.14
CA PHE B 144 7.63 4.14 -4.22
C PHE B 144 6.51 3.15 -4.56
N VAL B 145 5.29 3.50 -4.19
CA VAL B 145 4.17 2.56 -4.24
C VAL B 145 3.29 2.82 -5.44
N TRP B 146 3.30 1.89 -6.39
CA TRP B 146 2.55 2.02 -7.63
C TRP B 146 1.22 1.23 -7.59
N ASN B 147 0.12 1.96 -7.62
CA ASN B 147 -1.20 1.38 -7.76
C ASN B 147 -1.53 1.29 -9.25
N ILE B 148 -1.71 0.07 -9.74
CA ILE B 148 -1.89 -0.20 -11.15
C ILE B 148 -3.38 -0.43 -11.43
N TYR B 149 -3.95 0.41 -12.30
CA TYR B 149 -5.33 0.28 -12.75
C TYR B 149 -5.43 -0.06 -14.23
N ALA B 150 -6.35 -0.96 -14.56
CA ALA B 150 -6.76 -1.21 -15.94
C ALA B 150 -7.56 -0.05 -16.50
N ASN B 151 -7.23 0.36 -17.72
CA ASN B 151 -8.03 1.36 -18.44
C ASN B 151 -9.23 0.79 -19.16
N ASN B 152 -9.33 -0.53 -19.26
CA ASN B 152 -10.42 -1.15 -20.01
C ASN B 152 -10.75 -2.54 -19.52
N ASP B 153 -11.92 -3.02 -19.90
CA ASP B 153 -12.29 -4.39 -19.60
C ASP B 153 -11.38 -5.36 -20.33
N VAL B 154 -11.10 -6.49 -19.70
CA VAL B 154 -10.47 -7.60 -20.36
C VAL B 154 -11.43 -8.79 -20.30
N VAL B 155 -11.76 -9.32 -21.47
CA VAL B 155 -12.73 -10.41 -21.58
C VAL B 155 -11.96 -11.68 -21.84
N VAL B 156 -12.35 -12.75 -21.15
CA VAL B 156 -11.79 -14.05 -21.44
C VAL B 156 -12.86 -14.78 -22.26
N PRO B 157 -12.63 -14.93 -23.58
CA PRO B 157 -13.66 -15.57 -24.43
C PRO B 157 -13.97 -17.02 -24.04
N THR B 158 -15.22 -17.36 -24.21
CA THR B 158 -15.71 -18.70 -23.94
C THR B 158 -16.07 -19.36 -25.27
C1 8L8 C . -21.47 17.34 13.75
C2 8L8 C . -19.98 17.66 13.65
O2 8L8 C . -19.22 16.53 14.04
C3 8L8 C . -19.64 18.03 12.23
O3 8L8 C . -18.25 18.14 12.14
C4 8L8 C . -20.11 16.97 11.26
O4 8L8 C . -19.92 17.45 9.97
C5 8L8 C . -21.58 16.66 11.43
O5 8L8 C . -21.80 16.35 12.79
C6 8L8 C . -21.96 15.46 10.61
O6 8L8 C . -21.42 14.28 11.19
C7 8L8 C . -22.36 18.52 13.50
C8 8L8 C . -22.17 19.63 14.50
C9 8L8 C . -23.08 20.62 14.57
C10 8L8 C . -24.34 20.65 13.74
C11 8L8 C . -25.36 19.80 14.11
C12 8L8 C . -26.55 19.74 13.41
C13 8L8 C . -26.76 20.57 12.32
C14 8L8 C . -25.73 21.44 11.94
C15 8L8 C . -24.53 21.48 12.64
C16 8L8 C . -28.10 20.44 11.59
C17 8L8 C . -29.21 19.91 12.28
C18 8L8 C . -30.44 19.77 11.64
C19 8L8 C . -30.57 20.15 10.31
C20 8L8 C . -29.47 20.67 9.63
C21 8L8 C . -28.24 20.81 10.26
H1 8L8 C . -21.66 16.99 14.64
H2 8L8 C . -19.77 18.41 14.23
H3 8L8 C . -20.04 18.89 12.01
H4 8L8 C . -19.59 16.16 11.39
H5 8L8 C . -22.12 17.43 11.17
H8 8L8 C . -21.37 19.64 15.06
H9 8L8 C . -22.94 21.33 15.24
H11 8L8 C . -25.23 19.20 14.88
H12 8L8 C . -27.25 19.13 13.69
H14 8L8 C . -25.86 22.02 11.16
H15 8L8 C . -23.83 22.09 12.37
H17 8L8 C . -29.10 19.65 13.21
H18 8L8 C . -31.20 19.41 12.13
H19 8L8 C . -31.42 20.05 9.85
H20 8L8 C . -29.56 20.93 8.70
H21 8L8 C . -27.48 21.17 9.78
H6 8L8 C . -22.93 15.38 10.58
H6A 8L8 C . -21.62 15.56 9.70
H7 8L8 C . -22.17 18.88 12.60
H7A 8L8 C . -23.29 18.23 13.53
HO2 8L8 C . -18.55 16.80 14.58
HO3 8L8 C . -18.03 18.60 11.41
HO4 8L8 C . -19.14 17.16 9.65
HO6 8L8 C . -20.63 14.11 10.83
NI NI D . -23.62 10.19 16.70
S SO4 E . 1.00 17.06 9.44
O1 SO4 E . 2.44 17.19 9.26
O2 SO4 E . 0.42 16.38 8.27
O3 SO4 E . 0.43 18.41 9.59
O4 SO4 E . 0.70 16.27 10.64
S SO4 F . 17.16 -4.68 4.95
O1 SO4 F . 17.67 -4.38 6.30
O2 SO4 F . 18.07 -5.51 4.16
O3 SO4 F . 16.99 -3.41 4.23
O4 SO4 F . 15.89 -5.39 5.04
C1 8L8 G . 18.91 12.02 -3.29
C2 8L8 G . 18.14 11.05 -2.42
O2 8L8 G . 16.94 10.74 -3.08
C3 8L8 G . 18.91 9.76 -2.17
O3 8L8 G . 18.09 8.80 -1.51
C4 8L8 G . 19.40 9.16 -3.45
O4 8L8 G . 20.18 8.06 -3.08
C5 8L8 G . 20.20 10.20 -4.22
O5 8L8 G . 19.39 11.35 -4.44
C6 8L8 G . 20.79 9.67 -5.52
O6 8L8 G . 19.80 9.49 -6.51
C7 8L8 G . 20.06 12.72 -2.59
C8 8L8 G . 19.58 13.56 -1.41
C9 8L8 G . 20.39 14.48 -0.81
C10 8L8 G . 21.78 14.77 -1.33
C11 8L8 G . 22.08 16.02 -1.82
C12 8L8 G . 23.36 16.30 -2.32
C13 8L8 G . 24.34 15.33 -2.32
C14 8L8 G . 24.04 14.07 -1.82
C15 8L8 G . 22.77 13.79 -1.32
C16 8L8 G . 25.73 15.64 -2.84
C17 8L8 G . 26.30 14.85 -3.83
C18 8L8 G . 27.58 15.14 -4.31
C19 8L8 G . 28.28 16.23 -3.81
C20 8L8 G . 27.71 17.03 -2.82
C21 8L8 G . 26.43 16.74 -2.34
H1 8L8 G . 18.28 12.71 -3.60
H2 8L8 G . 17.94 11.47 -1.56
H3 8L8 G . 19.67 9.95 -1.59
H4 8L8 G . 18.64 8.86 -3.99
H5 8L8 G . 20.95 10.47 -3.65
H8 8L8 G . 18.69 13.40 -1.05
H9 8L8 G . 20.04 14.99 -0.06
H11 8L8 G . 21.39 16.72 -1.84
H12 8L8 G . 23.55 17.19 -2.66
H14 8L8 G . 24.74 13.38 -1.81
H15 8L8 G . 22.57 12.89 -0.99
H17 8L8 G . 26.03 17.30 -1.65
H18 8L8 G . 28.20 17.79 -2.47
H19 8L8 G . 29.17 16.43 -4.15
H20 8L8 G . 27.98 14.58 -5.00
H21 8L8 G . 25.81 14.09 -4.18
H6 8L8 G . 21.24 8.83 -5.35
H6A 8L8 G . 21.45 10.32 -5.85
H7 8L8 G . 20.51 13.30 -3.23
H7A 8L8 G . 20.69 12.04 -2.27
HO2 8L8 G . 16.55 10.05 -2.67
HO3 8L8 G . 18.60 8.14 -1.19
HO4 8L8 G . 19.84 7.31 -3.43
HO6 8L8 G . 20.10 8.88 -7.09
NI NI H . 16.03 14.35 -10.36
S SO4 I . 21.25 -8.83 -4.39
O1 SO4 I . 22.50 -8.70 -3.64
O2 SO4 I . 21.01 -10.24 -4.70
O3 SO4 I . 21.36 -8.08 -5.64
O4 SO4 I . 20.15 -8.36 -3.56
#